data_9Q9R
#
_entry.id   9Q9R
#
_cell.length_a   37.068
_cell.length_b   60.827
_cell.length_c   42.223
_cell.angle_alpha   90.000
_cell.angle_beta   112.543
_cell.angle_gamma   90.000
#
_symmetry.space_group_name_H-M   'P 1 21 1'
#
loop_
_entity.id
_entity.type
_entity.pdbx_description
1 polymer 'E3 ubiquitin-protein ligase TRIM21'
2 non-polymer (2~{S},4~{S})-1-[(3~{S})-3-azanyl-3-[2-[2-(2-hydroxyethyloxy)ethoxy]phenyl]propanoyl]-4-cyclohexyl-~{N}-[(2~{S})-1-(methylamino)-1-oxidanylidene-3-pyridin-4-yl-propan-2-yl]pyrrolidine-2-carboxamide
3 water water
#
_entity_poly.entity_id   1
_entity_poly.type   'polypeptide(L)'
_entity_poly.pdbx_seq_one_letter_code
;MAHHHHHHMVHITLDPDTANPWLILSEDRRQVRLGDTQQSIPGNEERFDSYPMVLGAQHFHSGKHYWEVDVTGKEAWDLG
VCRDSVRRKGHFLLSSKSGFWTIWLWNKQKYEAGTYPQTPLHLQVPPCQVGIFLDYEAGMVSFYNITDHGSLIYSFSECA
FTGPLRPFFSPGFNDGGKNTAPLTLCPLNIGSQGSTDY
;
_entity_poly.pdbx_strand_id   B
#
loop_
_chem_comp.id
_chem_comp.type
_chem_comp.name
_chem_comp.formula
A1I4W non-polymer (2~{S},4~{S})-1-[(3~{S})-3-azanyl-3-[2-[2-(2-hydroxyethyloxy)ethoxy]phenyl]propanoyl]-4-cyclohexyl-~{N}-[(2~{S})-1-(methylamino)-1-oxidanylidene-3-pyridin-4-yl-propan-2-yl]pyrrolidine-2-carboxamide 'C33 H47 N5 O6'
#
# COMPACT_ATOMS: atom_id res chain seq x y z
N HIS A 6 -5.37 17.80 -1.64
CA HIS A 6 -6.32 17.58 -2.75
C HIS A 6 -7.75 17.42 -2.21
N HIS A 7 -8.70 18.07 -2.86
CA HIS A 7 -10.16 18.01 -2.55
C HIS A 7 -10.71 16.61 -2.81
N HIS A 8 -9.98 15.77 -3.56
CA HIS A 8 -10.39 14.38 -3.89
C HIS A 8 -10.15 13.41 -2.73
N MET A 9 -9.83 13.93 -1.54
CA MET A 9 -9.41 13.17 -0.33
C MET A 9 -10.48 12.14 0.11
N VAL A 10 -10.00 11.02 0.70
CA VAL A 10 -10.78 9.85 1.19
C VAL A 10 -10.29 9.50 2.60
N HIS A 11 -11.19 9.20 3.53
CA HIS A 11 -10.82 8.66 4.87
C HIS A 11 -10.89 7.13 4.81
N ILE A 12 -9.71 6.50 4.83
CA ILE A 12 -9.55 5.04 4.65
C ILE A 12 -9.38 4.38 6.02
N THR A 13 -10.16 3.33 6.24
CA THR A 13 -10.13 2.45 7.43
C THR A 13 -9.55 1.10 7.00
N LEU A 14 -8.52 0.63 7.69
CA LEU A 14 -7.92 -0.70 7.42
C LEU A 14 -8.98 -1.79 7.67
N ASP A 15 -8.96 -2.86 6.86
CA ASP A 15 -9.92 -3.99 6.94
C ASP A 15 -9.27 -5.19 7.62
N PRO A 16 -9.60 -5.51 8.89
CA PRO A 16 -8.88 -6.53 9.65
C PRO A 16 -9.08 -7.94 9.06
N ASP A 17 -10.14 -8.14 8.27
CA ASP A 17 -10.52 -9.43 7.62
C ASP A 17 -9.52 -9.80 6.52
N THR A 18 -8.81 -8.81 5.98
CA THR A 18 -7.83 -9.00 4.90
C THR A 18 -6.45 -9.00 5.53
N ALA A 19 -6.37 -8.70 6.81
CA ALA A 19 -5.07 -8.45 7.47
C ALA A 19 -4.37 -9.80 7.65
N ASN A 20 -3.14 -9.90 7.14
CA ASN A 20 -2.19 -10.96 7.51
C ASN A 20 -2.17 -11.06 9.03
N PRO A 21 -2.17 -12.28 9.62
CA PRO A 21 -2.32 -12.41 11.07
C PRO A 21 -1.10 -12.03 11.93
N TRP A 22 0.05 -11.70 11.33
CA TRP A 22 1.22 -11.19 12.08
C TRP A 22 1.11 -9.65 12.24
N LEU A 23 0.13 -9.02 11.58
CA LEU A 23 -0.09 -7.54 11.61
C LEU A 23 -0.82 -7.09 12.89
N ILE A 24 -0.55 -5.85 13.32
CA ILE A 24 -1.32 -5.16 14.40
C ILE A 24 -1.86 -3.84 13.85
N LEU A 25 -3.17 -3.69 13.94
CA LEU A 25 -3.89 -2.45 13.60
C LEU A 25 -4.20 -1.76 14.93
N SER A 26 -3.90 -0.47 15.06
CA SER A 26 -4.47 0.40 16.11
C SER A 26 -5.99 0.24 16.09
N GLU A 27 -6.64 0.51 17.22
CA GLU A 27 -8.11 0.33 17.42
C GLU A 27 -8.90 1.20 16.46
N ASP A 28 -8.37 2.31 15.96
CA ASP A 28 -9.11 3.20 15.04
C ASP A 28 -8.78 2.81 13.60
N ARG A 29 -8.08 1.68 13.42
CA ARG A 29 -7.83 1.07 12.09
C ARG A 29 -7.22 2.11 11.14
N ARG A 30 -6.36 3.00 11.66
CA ARG A 30 -5.62 4.00 10.84
C ARG A 30 -4.13 3.69 10.90
N GLN A 31 -3.74 2.75 11.77
CA GLN A 31 -2.33 2.34 11.95
C GLN A 31 -2.20 0.84 11.67
N VAL A 32 -1.00 0.42 11.25
CA VAL A 32 -0.64 -1.00 10.99
C VAL A 32 0.87 -1.15 11.14
N ARG A 33 1.27 -2.09 11.99
CA ARG A 33 2.68 -2.40 12.31
C ARG A 33 2.83 -3.93 12.24
N LEU A 34 4.04 -4.40 11.92
CA LEU A 34 4.35 -5.86 11.88
C LEU A 34 4.63 -6.34 13.31
N GLY A 35 3.79 -7.26 13.82
CA GLY A 35 3.91 -7.82 15.18
C GLY A 35 5.12 -8.72 15.31
N ASP A 36 5.16 -9.54 16.36
CA ASP A 36 6.25 -10.52 16.60
C ASP A 36 5.67 -11.90 16.96
N THR A 37 4.35 -12.09 16.80
CA THR A 37 3.66 -13.41 16.88
C THR A 37 2.44 -13.35 15.95
N GLN A 38 1.47 -14.25 16.15
CA GLN A 38 0.39 -14.51 15.19
C GLN A 38 -0.97 -14.58 15.90
N GLN A 39 -1.84 -13.61 15.65
CA GLN A 39 -3.24 -13.64 16.17
C GLN A 39 -3.96 -14.83 15.53
N SER A 40 -5.02 -15.33 16.17
CA SER A 40 -5.82 -16.47 15.66
C SER A 40 -7.23 -15.99 15.31
N ILE A 41 -7.49 -15.89 14.00
CA ILE A 41 -8.67 -15.20 13.39
C ILE A 41 -9.09 -16.01 12.17
N PRO A 42 -10.39 -16.02 11.79
CA PRO A 42 -10.90 -16.97 10.81
C PRO A 42 -10.07 -16.97 9.51
N GLY A 43 -9.28 -18.03 9.26
CA GLY A 43 -8.32 -18.12 8.12
C GLY A 43 -9.02 -17.96 6.78
N ASN A 44 -9.88 -16.93 6.68
CA ASN A 44 -10.97 -16.77 5.67
C ASN A 44 -10.37 -16.60 4.27
N GLU A 45 -11.26 -16.47 3.29
CA GLU A 45 -10.90 -16.28 1.86
C GLU A 45 -10.14 -14.95 1.65
N GLU A 46 -10.31 -13.93 2.49
CA GLU A 46 -9.84 -12.53 2.23
C GLU A 46 -8.40 -12.32 2.71
N ARG A 47 -8.05 -12.98 3.81
CA ARG A 47 -6.77 -12.79 4.53
C ARG A 47 -5.61 -13.03 3.57
N PHE A 48 -4.69 -12.07 3.47
CA PHE A 48 -3.33 -12.27 2.93
C PHE A 48 -2.55 -13.21 3.86
N ASP A 49 -2.03 -14.31 3.31
CA ASP A 49 -1.63 -15.49 4.11
C ASP A 49 -0.11 -15.61 4.15
N SER A 50 0.59 -15.23 3.09
CA SER A 50 2.06 -15.40 2.92
C SER A 50 2.84 -14.12 3.22
N TYR A 51 2.22 -12.94 3.17
CA TYR A 51 2.95 -11.64 3.19
C TYR A 51 2.26 -10.63 4.10
N PRO A 52 3.03 -9.78 4.82
CA PRO A 52 2.45 -8.78 5.73
C PRO A 52 1.67 -7.71 4.93
N MET A 53 0.43 -8.05 4.57
CA MET A 53 -0.40 -7.27 3.62
C MET A 53 -1.83 -7.08 4.17
N VAL A 54 -2.49 -6.00 3.76
CA VAL A 54 -3.83 -5.58 4.27
C VAL A 54 -4.39 -4.54 3.32
N LEU A 55 -5.69 -4.57 3.09
CA LEU A 55 -6.39 -3.61 2.20
C LEU A 55 -7.19 -2.64 3.06
N GLY A 56 -7.73 -1.60 2.45
CA GLY A 56 -8.77 -0.75 3.07
C GLY A 56 -10.15 -1.37 2.90
N ALA A 57 -11.03 -1.11 3.86
CA ALA A 57 -12.46 -1.49 3.84
C ALA A 57 -13.14 -0.91 2.60
N GLN A 58 -12.57 0.13 2.00
CA GLN A 58 -13.21 0.91 0.92
C GLN A 58 -13.05 0.17 -0.41
N HIS A 59 -14.13 0.11 -1.20
CA HIS A 59 -14.13 -0.32 -2.63
C HIS A 59 -14.42 0.90 -3.50
N PHE A 60 -13.50 1.21 -4.42
CA PHE A 60 -13.64 2.23 -5.47
C PHE A 60 -14.06 1.55 -6.77
N HIS A 61 -15.30 1.83 -7.19
CA HIS A 61 -15.89 1.38 -8.46
C HIS A 61 -15.76 2.47 -9.54
N SER A 62 -15.38 3.70 -9.15
CA SER A 62 -15.48 4.91 -10.00
C SER A 62 -14.85 6.13 -9.32
N GLY A 63 -14.58 7.18 -10.10
CA GLY A 63 -14.23 8.53 -9.59
C GLY A 63 -12.76 8.67 -9.22
N LYS A 64 -12.41 9.82 -8.66
CA LYS A 64 -11.02 10.17 -8.24
C LYS A 64 -10.98 10.15 -6.70
N HIS A 65 -9.84 9.74 -6.12
CA HIS A 65 -9.70 9.35 -4.68
C HIS A 65 -8.25 9.57 -4.24
N TYR A 66 -8.02 10.42 -3.23
CA TYR A 66 -6.67 10.79 -2.75
C TYR A 66 -6.47 10.34 -1.31
N TRP A 67 -5.25 9.97 -0.93
CA TRP A 67 -4.89 9.75 0.50
C TRP A 67 -3.38 9.81 0.68
N GLU A 68 -2.97 9.90 1.94
CA GLU A 68 -1.56 10.11 2.35
C GLU A 68 -1.23 9.11 3.45
N VAL A 69 0.03 8.66 3.49
CA VAL A 69 0.53 7.67 4.48
C VAL A 69 1.86 8.17 5.03
N ASP A 70 2.02 8.14 6.36
CA ASP A 70 3.29 8.51 7.02
C ASP A 70 4.16 7.25 7.16
N VAL A 71 5.41 7.34 6.67
CA VAL A 71 6.41 6.25 6.61
C VAL A 71 7.65 6.65 7.40
N THR A 72 7.55 7.66 8.27
CA THR A 72 8.65 8.16 9.12
C THR A 72 9.27 7.00 9.90
N GLY A 73 10.59 6.84 9.80
CA GLY A 73 11.41 5.93 10.64
C GLY A 73 11.43 4.49 10.14
N LYS A 74 11.07 4.26 8.88
CA LYS A 74 10.81 2.90 8.34
C LYS A 74 11.87 2.55 7.29
N GLU A 75 12.28 1.28 7.28
CA GLU A 75 13.36 0.79 6.40
C GLU A 75 12.77 0.05 5.19
N ALA A 76 11.50 -0.33 5.25
CA ALA A 76 10.79 -0.92 4.08
C ALA A 76 9.29 -0.70 4.23
N TRP A 77 8.57 -0.71 3.12
CA TRP A 77 7.09 -0.62 3.08
C TRP A 77 6.59 -0.79 1.64
N ASP A 78 5.28 -0.93 1.49
CA ASP A 78 4.58 -1.17 0.21
C ASP A 78 3.21 -0.46 0.24
N LEU A 79 2.87 0.28 -0.81
CA LEU A 79 1.68 1.17 -0.83
C LEU A 79 1.11 1.19 -2.25
N GLY A 80 -0.22 1.18 -2.37
CA GLY A 80 -0.88 1.50 -3.63
C GLY A 80 -2.32 1.04 -3.64
N VAL A 81 -2.79 0.64 -4.82
CA VAL A 81 -4.13 0.07 -5.09
C VAL A 81 -3.96 -1.32 -5.70
N CYS A 82 -4.95 -2.17 -5.53
CA CYS A 82 -5.02 -3.53 -6.12
C CYS A 82 -6.48 -3.84 -6.49
N ARG A 83 -6.70 -4.77 -7.42
CA ARG A 83 -8.06 -5.29 -7.76
C ARG A 83 -8.64 -6.01 -6.54
N ASP A 84 -9.95 -5.87 -6.30
CA ASP A 84 -10.65 -6.71 -5.30
C ASP A 84 -10.26 -8.18 -5.56
N SER A 85 -10.24 -8.58 -6.84
CA SER A 85 -10.04 -9.96 -7.32
C SER A 85 -8.64 -10.52 -7.04
N VAL A 86 -7.64 -9.71 -6.66
CA VAL A 86 -6.25 -10.23 -6.45
C VAL A 86 -6.33 -11.52 -5.64
N ARG A 87 -5.32 -12.37 -5.75
CA ARG A 87 -5.18 -13.63 -4.96
C ARG A 87 -4.68 -13.27 -3.57
N ARG A 88 -5.26 -13.85 -2.51
CA ARG A 88 -4.88 -13.60 -1.09
C ARG A 88 -3.95 -14.71 -0.56
N LYS A 89 -4.14 -15.95 -1.00
CA LYS A 89 -3.39 -17.11 -0.46
C LYS A 89 -2.23 -17.43 -1.41
N GLY A 90 -1.10 -17.83 -0.85
CA GLY A 90 0.05 -18.34 -1.63
C GLY A 90 1.09 -17.25 -1.82
N HIS A 91 2.26 -17.65 -2.37
CA HIS A 91 3.37 -16.77 -2.82
C HIS A 91 3.08 -16.23 -4.21
N PHE A 92 3.53 -15.00 -4.48
CA PHE A 92 3.26 -14.27 -5.75
C PHE A 92 4.18 -13.04 -5.83
N LEU A 93 4.48 -12.63 -7.05
CA LEU A 93 5.22 -11.37 -7.34
C LEU A 93 4.21 -10.21 -7.32
N LEU A 94 4.39 -9.29 -6.37
CA LEU A 94 3.68 -7.98 -6.33
C LEU A 94 3.98 -7.27 -7.64
N SER A 95 3.01 -7.07 -8.51
CA SER A 95 3.24 -6.41 -9.82
C SER A 95 1.90 -6.08 -10.49
N SER A 96 1.91 -5.11 -11.39
CA SER A 96 0.74 -4.77 -12.25
C SER A 96 0.27 -6.03 -12.98
N LYS A 97 1.22 -6.91 -13.31
CA LYS A 97 0.93 -8.16 -14.08
C LYS A 97 0.04 -9.03 -13.22
N SER A 98 -0.02 -8.76 -11.91
CA SER A 98 -0.82 -9.50 -10.91
C SER A 98 -2.06 -8.69 -10.44
N GLY A 99 -2.23 -7.44 -10.90
CA GLY A 99 -3.36 -6.58 -10.49
C GLY A 99 -3.04 -5.70 -9.29
N PHE A 100 -1.77 -5.35 -9.09
CA PHE A 100 -1.32 -4.40 -8.03
C PHE A 100 -0.58 -3.22 -8.65
N TRP A 101 -0.98 -2.02 -8.26
CA TRP A 101 -0.37 -0.75 -8.72
C TRP A 101 0.27 -0.11 -7.50
N THR A 102 1.54 -0.46 -7.25
CA THR A 102 2.27 -0.23 -5.98
C THR A 102 3.68 0.30 -6.25
N ILE A 103 4.27 0.92 -5.22
CA ILE A 103 5.69 1.35 -5.14
C ILE A 103 6.18 0.91 -3.76
N TRP A 104 7.48 0.72 -3.58
CA TRP A 104 7.96 0.24 -2.26
C TRP A 104 9.34 0.78 -1.96
N LEU A 105 9.63 0.89 -0.67
CA LEU A 105 11.00 0.88 -0.12
C LEU A 105 11.28 -0.56 0.31
N TRP A 106 12.43 -1.10 -0.09
CA TRP A 106 12.92 -2.45 0.30
C TRP A 106 14.35 -2.31 0.86
N ASN A 107 14.65 -3.01 1.96
CA ASN A 107 15.98 -3.04 2.63
C ASN A 107 16.49 -1.61 2.82
N LYS A 108 15.57 -0.64 2.86
CA LYS A 108 15.87 0.82 2.74
C LYS A 108 16.76 1.07 1.52
N GLN A 109 16.98 2.34 1.17
CA GLN A 109 17.97 2.77 0.14
C GLN A 109 17.64 2.14 -1.22
N LYS A 110 16.38 1.79 -1.49
CA LYS A 110 15.94 1.32 -2.83
C LYS A 110 14.43 1.52 -2.96
N TYR A 111 14.01 2.53 -3.72
CA TYR A 111 12.59 2.80 -4.04
C TYR A 111 12.30 2.19 -5.42
N GLU A 112 11.17 1.50 -5.58
CA GLU A 112 10.84 0.78 -6.84
C GLU A 112 9.34 0.78 -7.10
N ALA A 113 8.92 0.84 -8.37
CA ALA A 113 7.53 0.67 -8.83
C ALA A 113 7.29 -0.79 -9.26
N GLY A 114 6.15 -1.38 -8.88
CA GLY A 114 5.75 -2.75 -9.24
C GLY A 114 5.26 -2.84 -10.68
N THR A 115 6.15 -2.59 -11.63
CA THR A 115 6.00 -3.01 -13.04
C THR A 115 6.57 -4.42 -13.16
N TYR A 116 6.42 -5.08 -14.31
CA TYR A 116 7.07 -6.37 -14.60
C TYR A 116 8.04 -6.17 -15.75
N PRO A 117 9.36 -6.33 -15.49
CA PRO A 117 9.89 -6.44 -14.13
C PRO A 117 9.90 -5.08 -13.43
N GLN A 118 10.17 -5.09 -12.12
CA GLN A 118 10.10 -3.89 -11.23
C GLN A 118 11.02 -2.81 -11.82
N THR A 119 10.83 -1.55 -11.44
CA THR A 119 11.62 -0.39 -11.99
C THR A 119 12.23 0.39 -10.83
N PRO A 120 13.58 0.47 -10.70
CA PRO A 120 14.20 1.38 -9.74
C PRO A 120 13.90 2.85 -10.03
N LEU A 121 13.65 3.62 -8.96
CA LEU A 121 13.33 5.06 -8.99
C LEU A 121 14.57 5.84 -8.58
N HIS A 122 14.80 7.03 -9.15
CA HIS A 122 15.75 8.05 -8.64
C HIS A 122 14.97 9.16 -7.93
N LEU A 123 15.16 9.29 -6.62
CA LEU A 123 14.44 10.22 -5.71
C LEU A 123 15.47 11.19 -5.16
N GLN A 124 15.13 12.47 -5.11
CA GLN A 124 16.02 13.54 -4.57
C GLN A 124 15.90 13.53 -3.05
N VAL A 125 14.71 13.18 -2.54
CA VAL A 125 14.33 13.35 -1.11
C VAL A 125 13.61 12.09 -0.62
N PRO A 126 14.17 11.36 0.37
CA PRO A 126 13.51 10.20 0.95
C PRO A 126 12.21 10.64 1.63
N PRO A 127 11.03 10.17 1.17
CA PRO A 127 9.77 10.60 1.76
C PRO A 127 9.55 10.15 3.22
N CYS A 128 8.96 11.01 4.05
CA CYS A 128 8.34 10.61 5.33
C CYS A 128 6.83 10.51 5.15
N GLN A 129 6.32 10.88 3.98
CA GLN A 129 4.87 10.96 3.69
C GLN A 129 4.68 10.75 2.19
N VAL A 130 3.76 9.86 1.83
CA VAL A 130 3.45 9.51 0.41
C VAL A 130 2.00 9.86 0.15
N GLY A 131 1.72 10.52 -0.98
CA GLY A 131 0.36 10.73 -1.49
C GLY A 131 0.04 9.71 -2.56
N ILE A 132 -1.12 9.07 -2.48
CA ILE A 132 -1.60 8.08 -3.48
C ILE A 132 -2.89 8.62 -4.08
N PHE A 133 -2.93 8.72 -5.41
CA PHE A 133 -4.08 9.22 -6.21
C PHE A 133 -4.50 8.17 -7.24
N LEU A 134 -5.81 7.95 -7.41
CA LEU A 134 -6.41 7.01 -8.40
C LEU A 134 -7.48 7.74 -9.22
N ASP A 135 -7.29 7.87 -10.53
CA ASP A 135 -8.39 8.22 -11.47
C ASP A 135 -8.82 6.91 -12.11
N TYR A 136 -10.02 6.44 -11.79
CA TYR A 136 -10.55 5.17 -12.31
C TYR A 136 -10.79 5.31 -13.81
N GLU A 137 -11.73 6.17 -14.19
CA GLU A 137 -12.20 6.35 -15.58
C GLU A 137 -11.00 6.65 -16.49
N ALA A 138 -9.89 7.14 -15.89
CA ALA A 138 -8.61 7.48 -16.56
C ALA A 138 -7.65 6.30 -16.54
N GLY A 139 -7.86 5.32 -15.66
CA GLY A 139 -6.90 4.22 -15.49
C GLY A 139 -5.56 4.75 -15.02
N MET A 140 -5.58 5.62 -13.99
CA MET A 140 -4.38 6.26 -13.42
C MET A 140 -4.25 5.89 -11.95
N VAL A 141 -3.07 5.44 -11.52
CA VAL A 141 -2.61 5.48 -10.10
C VAL A 141 -1.23 6.10 -10.09
N SER A 142 -1.00 7.07 -9.20
CA SER A 142 0.19 7.95 -9.15
C SER A 142 0.58 8.19 -7.70
N PHE A 143 1.87 8.36 -7.43
CA PHE A 143 2.47 8.44 -6.08
C PHE A 143 3.29 9.74 -6.01
N TYR A 144 3.02 10.58 -5.01
CA TYR A 144 3.66 11.90 -4.82
C TYR A 144 4.50 11.89 -3.53
N ASN A 145 5.64 12.58 -3.56
CA ASN A 145 6.62 12.64 -2.44
C ASN A 145 6.27 13.88 -1.59
N ILE A 146 5.33 13.75 -0.66
CA ILE A 146 4.79 14.90 0.13
C ILE A 146 5.95 15.72 0.68
N THR A 147 7.06 15.06 1.04
CA THR A 147 8.25 15.68 1.66
C THR A 147 8.97 16.57 0.64
N ASP A 148 8.88 16.24 -0.66
CA ASP A 148 9.50 17.00 -1.77
C ASP A 148 8.43 17.73 -2.58
N HIS A 149 7.61 18.55 -1.90
CA HIS A 149 6.58 19.42 -2.52
C HIS A 149 5.67 18.61 -3.46
N GLY A 150 5.27 17.41 -3.03
CA GLY A 150 4.42 16.49 -3.81
C GLY A 150 4.98 16.17 -5.18
N SER A 151 6.30 16.09 -5.35
CA SER A 151 6.91 15.70 -6.64
C SER A 151 6.37 14.31 -7.01
N LEU A 152 6.05 14.08 -8.30
CA LEU A 152 5.63 12.74 -8.79
C LEU A 152 6.81 11.78 -8.61
N ILE A 153 6.61 10.77 -7.77
CA ILE A 153 7.52 9.60 -7.63
C ILE A 153 7.36 8.79 -8.90
N TYR A 154 6.22 8.12 -9.08
CA TYR A 154 5.95 7.23 -10.25
C TYR A 154 4.48 7.32 -10.64
N SER A 155 4.17 6.93 -11.88
CA SER A 155 2.76 6.89 -12.33
C SER A 155 2.53 5.74 -13.31
N PHE A 156 1.54 4.90 -12.98
CA PHE A 156 0.93 3.85 -13.85
C PHE A 156 -0.23 4.47 -14.63
N SER A 157 -0.18 4.40 -15.95
CA SER A 157 -1.26 4.82 -16.88
C SER A 157 -1.62 3.67 -17.83
N GLU A 158 -2.75 3.78 -18.54
CA GLU A 158 -3.31 2.72 -19.41
C GLU A 158 -3.76 1.53 -18.53
N CYS A 159 -3.96 1.72 -17.22
CA CYS A 159 -4.25 0.63 -16.25
C CYS A 159 -5.53 -0.10 -16.65
N ALA A 160 -6.44 0.60 -17.36
CA ALA A 160 -7.79 0.11 -17.73
C ALA A 160 -8.31 -0.88 -16.66
N PHE A 161 -9.03 -0.34 -15.67
CA PHE A 161 -9.61 -1.12 -14.55
C PHE A 161 -10.98 -1.67 -14.98
N THR A 162 -11.31 -2.90 -14.59
CA THR A 162 -12.67 -3.47 -14.79
C THR A 162 -13.34 -3.64 -13.43
N GLY A 163 -12.65 -4.26 -12.47
CA GLY A 163 -13.26 -4.62 -11.18
C GLY A 163 -13.46 -3.40 -10.28
N PRO A 164 -14.03 -3.61 -9.07
CA PRO A 164 -13.77 -2.72 -7.94
C PRO A 164 -12.30 -2.81 -7.51
N LEU A 165 -11.80 -1.75 -6.88
CA LEU A 165 -10.37 -1.55 -6.49
C LEU A 165 -10.28 -1.28 -4.99
N ARG A 166 -9.11 -1.57 -4.42
CA ARG A 166 -8.87 -1.61 -2.95
C ARG A 166 -7.53 -0.94 -2.65
N PRO A 167 -7.48 0.03 -1.71
CA PRO A 167 -6.19 0.54 -1.27
C PRO A 167 -5.46 -0.64 -0.60
N PHE A 168 -4.13 -0.58 -0.59
CA PHE A 168 -3.26 -1.71 -0.17
C PHE A 168 -2.01 -1.18 0.49
N PHE A 169 -1.60 -1.79 1.59
CA PHE A 169 -0.42 -1.41 2.40
C PHE A 169 0.40 -2.64 2.81
N SER A 170 1.69 -2.43 3.09
CA SER A 170 2.52 -3.32 3.97
C SER A 170 3.51 -2.49 4.76
N PRO A 171 3.57 -2.64 6.10
CA PRO A 171 4.66 -2.06 6.90
C PRO A 171 6.01 -2.72 6.60
N GLY A 172 6.05 -3.59 5.59
CA GLY A 172 7.25 -4.33 5.16
C GLY A 172 7.56 -5.45 6.13
N PHE A 173 8.76 -6.03 6.00
CA PHE A 173 9.31 -7.06 6.90
C PHE A 173 10.30 -6.38 7.83
N ASN A 174 10.59 -7.03 8.97
CA ASN A 174 11.39 -6.49 10.10
C ASN A 174 12.69 -7.30 10.23
N ASP A 175 13.18 -7.86 9.12
CA ASP A 175 14.53 -8.48 9.06
C ASP A 175 15.54 -7.34 9.18
N GLY A 176 16.17 -7.23 10.35
CA GLY A 176 16.86 -6.03 10.86
C GLY A 176 16.45 -5.77 12.30
N GLY A 177 15.22 -6.15 12.66
CA GLY A 177 14.56 -5.77 13.91
C GLY A 177 14.19 -4.28 13.92
N LYS A 178 14.59 -3.55 12.86
CA LYS A 178 14.63 -2.08 12.80
C LYS A 178 13.73 -1.59 11.64
N ASN A 179 12.56 -2.21 11.48
CA ASN A 179 11.44 -1.74 10.63
C ASN A 179 10.13 -2.00 11.36
N THR A 180 10.10 -1.63 12.65
CA THR A 180 9.00 -1.89 13.62
C THR A 180 7.99 -0.74 13.60
N ALA A 181 8.35 0.46 13.14
CA ALA A 181 7.47 1.65 13.18
C ALA A 181 6.27 1.39 12.29
N PRO A 182 5.06 1.85 12.67
CA PRO A 182 3.86 1.56 11.90
C PRO A 182 3.79 2.48 10.67
N LEU A 183 2.97 2.08 9.71
CA LEU A 183 2.46 2.98 8.67
C LEU A 183 1.31 3.72 9.33
N THR A 184 1.00 4.90 8.84
CA THR A 184 -0.02 5.78 9.46
C THR A 184 -0.73 6.52 8.32
N LEU A 185 -2.05 6.45 8.33
CA LEU A 185 -2.92 7.23 7.43
C LEU A 185 -3.07 8.63 8.01
N CYS A 186 -2.58 9.63 7.28
CA CYS A 186 -2.55 11.06 7.69
C CYS A 186 -3.95 11.69 7.64
N PRO A 187 -4.40 12.34 8.73
CA PRO A 187 -5.73 12.98 8.78
C PRO A 187 -6.26 13.74 7.55
N LEU A 188 -5.46 14.54 6.83
CA LEU A 188 -5.92 15.37 5.66
C LEU A 188 -6.82 16.54 6.13
N1 A1I4W B . 11.28 -10.41 -6.68
N3 A1I4W B . 8.79 -9.74 -4.10
C4 A1I4W B . 10.32 -7.94 -4.81
C5 A1I4W B . 9.64 -7.11 -3.74
C6 A1I4W B . 10.15 -6.99 -2.45
C7 A1I4W B . 9.50 -6.21 -1.53
C8 A1I4W B . 7.90 -5.61 -3.03
C10 A1I4W B . 7.49 -10.05 -4.28
C13 A1I4W B . 7.26 -9.49 -1.13
C15 A1I4W B . 7.86 -8.40 1.07
C17 A1I4W B . 6.51 -6.46 1.96
C20 A1I4W B . 7.96 -10.84 -0.97
C21 A1I4W B . 8.17 -12.77 -2.49
C22 A1I4W B . 7.90 -13.46 -3.81
C24 A1I4W B . 7.71 -15.83 -4.87
C26 A1I4W B . 6.66 -16.09 -7.04
C28 A1I4W B . 7.27 -18.05 -5.79
C1 A1I4W B . 10.97 -9.48 -7.75
C2 A1I4W B . 10.79 -10.31 -5.44
O1 A1I4W B . 11.23 -11.00 -4.52
C3 A1I4W B . 9.67 -9.29 -5.16
N2 A1I4W B . 8.38 -5.50 -1.79
C9 A1I4W B . 8.49 -6.36 -4.02
O2 A1I4W B . 6.87 -9.77 -5.30
C11 A1I4W B . 6.80 -10.78 -3.13
C12 A1I4W B . 6.15 -9.78 -2.16
C14 A1I4W B . 6.73 -8.81 0.12
C16 A1I4W B . 7.36 -7.66 2.31
C18 A1I4W B . 5.35 -6.88 1.05
C19 A1I4W B . 5.86 -7.60 -0.21
N4 A1I4W B . 7.69 -11.54 -2.24
O3 A1I4W B . 8.81 -13.34 -1.61
C23 A1I4W B . 8.23 -14.96 -3.73
N5 A1I4W B . 9.67 -15.17 -3.55
C25 A1I4W B . 7.15 -15.28 -6.02
C27 A1I4W B . 6.72 -17.47 -6.91
C29 A1I4W B . 7.75 -17.24 -4.77
O4 A1I4W B . 8.31 -17.71 -3.61
C30 A1I4W B . 8.17 -19.09 -3.26
C31 A1I4W B . 9.01 -19.33 -2.03
O5 A1I4W B . 10.29 -18.70 -2.13
C32 A1I4W B . 10.87 -18.36 -0.87
C33 A1I4W B . 12.22 -19.03 -0.71
O6 A1I4W B . 12.28 -19.91 0.43
H4 A1I4W B . 11.81 -11.07 -6.86
H12 A1I4W B . 9.11 -9.82 -3.29
H6 A1I4W B . 10.37 -7.40 -5.62
H7 A1I4W B . 11.24 -8.11 -4.51
H8 A1I4W B . 10.93 -7.47 -2.21
H9 A1I4W B . 9.85 -6.15 -0.65
H10 A1I4W B . 7.12 -5.11 -3.25
H16 A1I4W B . 7.90 -8.86 -1.54
H19 A1I4W B . 8.47 -7.84 0.59
H18 A1I4W B . 8.32 -9.20 1.35
H22 A1I4W B . 7.05 -5.79 1.50
H23 A1I4W B . 6.15 -6.07 2.77
H28 A1I4W B . 7.59 -11.33 -0.21
H29 A1I4W B . 8.92 -10.72 -0.83
H30 A1I4W B . 8.46 -13.05 -4.51
H31 A1I4W B . 6.97 -13.34 -4.06
H36 A1I4W B . 6.29 -15.70 -7.80
H38 A1I4W B . 7.32 -18.99 -5.71
H1 A1I4W B . 10.97 -8.57 -7.40
H2 A1I4W B . 10.09 -9.68 -8.12
H3 A1I4W B . 11.64 -9.56 -8.45
H5 A1I4W B . 9.14 -9.18 -5.97
H11 A1I4W B . 8.11 -6.39 -4.88
H13 A1I4W B . 6.11 -11.38 -3.48
H15 A1I4W B . 5.36 -10.18 -1.73
H14 A1I4W B . 5.87 -8.97 -2.63
H17 A1I4W B . 6.17 -9.45 0.58
H20 A1I4W B . 8.14 -7.35 2.82
H21 A1I4W B . 6.85 -8.27 2.87
H24 A1I4W B . 4.85 -6.08 0.78
H25 A1I4W B . 4.75 -7.46 1.54
H27 A1I4W B . 6.37 -6.98 -0.74
H26 A1I4W B . 5.10 -7.88 -0.73
H32 A1I4W B . 7.79 -15.31 -2.92
H34 A1I4W B . 10.10 -14.94 -4.34
H33 A1I4W B . 9.83 -16.07 -3.43
H35 A1I4W B . 7.10 -14.34 -6.11
H37 A1I4W B . 6.39 -18.01 -7.60
H39 A1I4W B . 8.49 -19.67 -3.97
H40 A1I4W B . 7.24 -19.29 -3.07
H41 A1I4W B . 9.13 -20.29 -1.89
H42 A1I4W B . 8.53 -18.97 -1.24
H43 A1I4W B . 10.28 -18.64 -0.14
H44 A1I4W B . 10.99 -17.39 -0.82
H45 A1I4W B . 12.91 -18.35 -0.61
H46 A1I4W B . 12.41 -19.56 -1.51
H47 A1I4W B . 12.88 -20.15 0.51
#